data_6OHZ
#
_entry.id   6OHZ
#
_cell.length_a   108.200
_cell.length_b   159.400
_cell.length_c   37.950
_cell.angle_alpha   90.000
_cell.angle_beta   90.000
_cell.angle_gamma   90.000
#
_symmetry.space_group_name_H-M   'C 2 2 2'
#
loop_
_entity.id
_entity.type
_entity.pdbx_description
1 polymer 'Uncharacterized protein'
2 non-polymer 1,2-ETHANEDIOL
3 water water
#
_entity_poly.entity_id   1
_entity_poly.type   'polypeptide(L)'
_entity_poly.pdbx_seq_one_letter_code
;MAHHHHHHMTEIDDLLRKNPELQKEWKRTVWTAAISSGVIAYRPPLLERAFREFPMETAKSALNLFVAAHKSKNRQSVDI
ITQNLKDAKTFPLGQLEEEIVTDILKYPNLLEKLLQTGWNPNLILEWEKHKSLSQNSKRSHRRPEILIKSNGKEFIEKQE
TTLLILAMQNDFIPMETVQILLKYGADPSLGVKRKSEGKEYLLYPLANINSNGNTILKELKQKTLIDWKK
;
_entity_poly.pdbx_strand_id   A
#
# COMPACT_ATOMS: atom_id res chain seq x y z
N THR A 10 22.11 -25.00 -6.82
CA THR A 10 22.51 -26.40 -6.94
C THR A 10 23.99 -26.51 -7.30
N GLU A 11 24.30 -26.28 -8.59
CA GLU A 11 25.70 -26.24 -9.02
C GLU A 11 26.47 -25.12 -8.33
N ILE A 12 25.76 -24.17 -7.72
CA ILE A 12 26.42 -23.14 -6.93
C ILE A 12 27.10 -23.75 -5.71
N ASP A 13 26.45 -24.74 -5.09
CA ASP A 13 26.98 -25.34 -3.87
C ASP A 13 28.35 -25.98 -4.12
N ASP A 14 28.52 -26.60 -5.28
CA ASP A 14 29.82 -27.19 -5.62
C ASP A 14 30.84 -26.11 -5.92
N LEU A 15 30.47 -25.13 -6.73
CA LEU A 15 31.38 -24.02 -7.02
C LEU A 15 31.72 -23.23 -5.76
N LEU A 16 30.77 -23.10 -4.83
CA LEU A 16 31.03 -22.40 -3.59
C LEU A 16 31.96 -23.20 -2.69
N ARG A 17 31.70 -24.50 -2.54
CA ARG A 17 32.59 -25.36 -1.78
C ARG A 17 33.96 -25.48 -2.43
N LYS A 18 34.07 -25.16 -3.72
CA LYS A 18 35.37 -25.22 -4.39
C LYS A 18 36.27 -24.07 -3.96
N ASN A 19 35.72 -22.86 -3.84
CA ASN A 19 36.49 -21.69 -3.43
CA ASN A 19 36.49 -21.68 -3.45
C ASN A 19 35.86 -21.07 -2.20
N PRO A 20 36.35 -21.39 -1.00
CA PRO A 20 35.75 -20.83 0.22
C PRO A 20 35.94 -19.33 0.36
N GLU A 21 36.93 -18.74 -0.31
CA GLU A 21 37.14 -17.30 -0.27
C GLU A 21 35.90 -16.55 -0.73
N LEU A 22 35.05 -17.16 -1.56
CA LEU A 22 33.84 -16.52 -2.03
C LEU A 22 32.68 -16.64 -1.05
N GLN A 23 32.82 -17.46 0.00
CA GLN A 23 31.70 -17.74 0.90
C GLN A 23 31.20 -16.47 1.55
N LYS A 24 32.11 -15.62 2.05
CA LYS A 24 31.72 -14.39 2.70
C LYS A 24 30.90 -13.50 1.77
N GLU A 25 31.47 -13.16 0.60
CA GLU A 25 30.75 -12.34 -0.36
C GLU A 25 29.39 -12.95 -0.72
N TRP A 26 29.36 -14.26 -0.94
CA TRP A 26 28.10 -14.88 -1.36
C TRP A 26 27.03 -14.76 -0.28
N LYS A 27 27.42 -14.89 0.99
CA LYS A 27 26.46 -14.74 2.08
C LYS A 27 25.84 -13.34 2.06
N ARG A 28 26.68 -12.31 1.88
CA ARG A 28 26.13 -10.96 1.76
C ARG A 28 25.23 -10.83 0.54
N THR A 29 25.60 -11.50 -0.57
CA THR A 29 24.83 -11.38 -1.79
C THR A 29 23.46 -12.02 -1.67
N VAL A 30 23.39 -13.21 -1.07
CA VAL A 30 22.11 -13.86 -0.85
C VAL A 30 21.18 -12.97 -0.02
N TRP A 31 21.72 -12.40 1.06
CA TRP A 31 20.89 -11.56 1.92
C TRP A 31 20.38 -10.34 1.17
N THR A 32 21.21 -9.74 0.32
CA THR A 32 20.74 -8.61 -0.47
C THR A 32 19.65 -9.04 -1.43
N ALA A 33 19.75 -10.24 -1.98
CA ALA A 33 18.72 -10.73 -2.90
C ALA A 33 17.46 -11.14 -2.16
N ALA A 34 17.60 -11.70 -0.97
CA ALA A 34 16.43 -12.02 -0.16
C ALA A 34 15.75 -10.75 0.34
N ILE A 35 16.51 -9.69 0.55
CA ILE A 35 15.93 -8.40 0.89
C ILE A 35 15.23 -7.81 -0.34
N SER A 36 15.97 -7.67 -1.45
CA SER A 36 15.44 -7.06 -2.66
C SER A 36 14.17 -7.74 -3.15
N SER A 37 14.08 -9.07 -3.01
CA SER A 37 12.89 -9.79 -3.47
C SER A 37 11.70 -9.61 -2.53
N GLY A 38 11.93 -9.15 -1.30
CA GLY A 38 10.87 -8.99 -0.34
C GLY A 38 10.64 -10.20 0.54
N VAL A 39 11.23 -11.34 0.18
CA VAL A 39 10.86 -12.62 0.78
C VAL A 39 11.16 -12.68 2.27
N ILE A 40 12.20 -11.98 2.75
CA ILE A 40 12.53 -12.05 4.17
C ILE A 40 11.38 -11.56 5.05
N ALA A 41 10.40 -10.87 4.47
CA ALA A 41 9.24 -10.44 5.25
C ALA A 41 8.36 -11.59 5.70
N TYR A 42 8.60 -12.80 5.21
CA TYR A 42 7.83 -13.98 5.61
C TYR A 42 8.21 -14.46 7.00
N ARG A 43 9.37 -14.05 7.51
CA ARG A 43 9.81 -14.38 8.87
C ARG A 43 10.27 -13.10 9.55
N PRO A 44 9.45 -12.50 10.40
CA PRO A 44 9.73 -11.17 10.96
C PRO A 44 11.09 -11.06 11.64
N PRO A 45 11.58 -12.10 12.33
CA PRO A 45 12.93 -11.98 12.92
C PRO A 45 14.01 -11.64 11.92
N LEU A 46 13.95 -12.22 10.71
CA LEU A 46 14.96 -11.93 9.71
C LEU A 46 14.75 -10.56 9.07
N LEU A 47 13.49 -10.10 8.98
CA LEU A 47 13.25 -8.73 8.57
C LEU A 47 13.87 -7.74 9.55
N GLU A 48 13.75 -8.02 10.85
CA GLU A 48 14.30 -7.14 11.87
C GLU A 48 15.80 -6.97 11.68
N ARG A 49 16.52 -8.07 11.43
CA ARG A 49 17.95 -7.96 11.20
C ARG A 49 18.25 -7.12 9.98
N ALA A 50 17.44 -7.25 8.92
CA ALA A 50 17.78 -6.59 7.66
C ALA A 50 17.80 -5.08 7.80
N PHE A 51 16.86 -4.51 8.57
CA PHE A 51 16.81 -3.07 8.71
C PHE A 51 17.97 -2.54 9.55
N ARG A 52 18.35 -3.28 10.60
CA ARG A 52 19.38 -2.80 11.51
C ARG A 52 20.73 -2.72 10.81
N GLU A 53 21.05 -3.68 9.94
CA GLU A 53 22.37 -3.78 9.34
C GLU A 53 22.37 -3.70 7.81
N PHE A 54 21.25 -3.36 7.20
CA PHE A 54 21.23 -3.02 5.77
C PHE A 54 20.32 -1.81 5.57
N PRO A 55 20.64 -0.68 6.22
CA PRO A 55 19.77 0.49 6.07
C PRO A 55 19.63 0.97 4.64
N MET A 56 20.67 0.76 3.82
CA MET A 56 20.59 1.13 2.41
C MET A 56 19.70 0.15 1.65
N GLU A 57 19.99 -1.15 1.76
CA GLU A 57 19.28 -2.15 0.97
C GLU A 57 17.85 -2.32 1.47
N THR A 58 17.69 -2.60 2.78
CA THR A 58 16.35 -2.81 3.34
C THR A 58 15.42 -1.66 3.01
N ALA A 59 15.91 -0.42 3.14
CA ALA A 59 15.07 0.74 2.85
C ALA A 59 14.70 0.80 1.38
N LYS A 60 15.67 0.61 0.49
CA LYS A 60 15.41 0.68 -0.95
C LYS A 60 14.34 -0.31 -1.38
N SER A 61 14.22 -1.44 -0.69
CA SER A 61 13.35 -2.52 -1.10
C SER A 61 12.02 -2.53 -0.34
N ALA A 62 11.62 -1.39 0.23
CA ALA A 62 10.45 -1.34 1.09
C ALA A 62 9.17 -1.75 0.36
N LEU A 63 9.07 -1.46 -0.94
CA LEU A 63 7.84 -1.79 -1.66
C LEU A 63 7.65 -3.30 -1.78
N ASN A 64 8.71 -4.01 -2.17
CA ASN A 64 8.60 -5.47 -2.25
C ASN A 64 8.42 -6.08 -0.87
N LEU A 65 9.04 -5.50 0.17
CA LEU A 65 8.91 -6.06 1.50
C LEU A 65 7.48 -5.93 2.01
N PHE A 66 6.86 -4.77 1.80
CA PHE A 66 5.45 -4.64 2.20
C PHE A 66 4.59 -5.66 1.47
N VAL A 67 4.80 -5.81 0.17
CA VAL A 67 3.98 -6.72 -0.62
C VAL A 67 4.09 -8.13 -0.06
N ALA A 68 5.30 -8.58 0.22
CA ALA A 68 5.48 -9.90 0.83
C ALA A 68 4.90 -9.92 2.24
N ALA A 69 5.03 -8.82 2.98
CA ALA A 69 4.51 -8.78 4.34
C ALA A 69 2.99 -8.96 4.37
N HIS A 70 2.29 -8.27 3.48
CA HIS A 70 0.84 -8.43 3.40
C HIS A 70 0.46 -9.82 2.93
N LYS A 71 1.11 -10.30 1.86
CA LYS A 71 0.77 -11.60 1.29
C LYS A 71 0.95 -12.71 2.31
N SER A 72 1.99 -12.61 3.15
CA SER A 72 2.24 -13.59 4.19
C SER A 72 1.33 -13.42 5.40
N LYS A 73 0.48 -12.39 5.42
CA LYS A 73 -0.41 -12.10 6.55
C LYS A 73 0.37 -11.94 7.85
N ASN A 74 1.65 -11.56 7.74
CA ASN A 74 2.50 -11.29 8.92
C ASN A 74 2.39 -9.81 9.25
N ARG A 75 1.37 -9.47 10.05
CA ARG A 75 1.15 -8.06 10.38
C ARG A 75 2.36 -7.48 11.11
N GLN A 76 3.03 -8.30 11.92
CA GLN A 76 4.25 -7.85 12.59
C GLN A 76 5.29 -7.34 11.60
N SER A 77 5.35 -7.94 10.40
CA SER A 77 6.29 -7.48 9.40
C SER A 77 5.94 -6.08 8.88
N VAL A 78 4.65 -5.79 8.71
CA VAL A 78 4.26 -4.42 8.34
C VAL A 78 4.61 -3.44 9.44
N ASP A 79 4.47 -3.84 10.71
CA ASP A 79 4.85 -2.97 11.81
C ASP A 79 6.34 -2.64 11.74
N ILE A 80 7.17 -3.66 11.49
CA ILE A 80 8.62 -3.43 11.42
C ILE A 80 8.95 -2.46 10.29
N ILE A 81 8.32 -2.64 9.12
CA ILE A 81 8.54 -1.72 8.01
C ILE A 81 8.13 -0.30 8.40
N THR A 82 6.93 -0.17 9.00
CA THR A 82 6.45 1.14 9.41
C THR A 82 7.46 1.82 10.33
N GLN A 83 8.02 1.09 11.29
CA GLN A 83 8.92 1.68 12.28
C GLN A 83 10.17 2.25 11.62
N ASN A 84 10.71 1.57 10.61
CA ASN A 84 12.01 1.91 10.06
C ASN A 84 11.93 2.77 8.81
N LEU A 85 10.73 3.12 8.37
CA LEU A 85 10.57 3.92 7.16
C LEU A 85 10.98 5.36 7.47
N LYS A 86 11.96 5.88 6.75
CA LYS A 86 12.33 7.27 6.96
C LYS A 86 11.52 8.23 6.11
N ASP A 87 11.05 7.80 4.94
CA ASP A 87 10.21 8.67 4.13
C ASP A 87 9.40 7.80 3.17
N ALA A 88 8.49 8.46 2.45
CA ALA A 88 7.53 7.80 1.58
C ALA A 88 8.01 7.73 0.12
N LYS A 89 9.28 8.03 -0.15
CA LYS A 89 9.78 8.05 -1.52
C LYS A 89 9.73 6.68 -2.19
N THR A 90 9.88 5.60 -1.41
CA THR A 90 9.78 4.27 -1.98
C THR A 90 8.33 3.88 -2.29
N PHE A 91 7.35 4.69 -1.88
CA PHE A 91 5.92 4.43 -2.13
C PHE A 91 5.35 5.61 -2.93
N PRO A 92 5.72 5.73 -4.21
CA PRO A 92 5.22 6.87 -5.00
C PRO A 92 3.73 6.72 -5.29
N LEU A 93 2.94 7.45 -4.49
CA LEU A 93 1.48 7.30 -4.51
C LEU A 93 0.93 7.43 -5.92
N GLY A 94 1.51 8.32 -6.74
CA GLY A 94 0.96 8.55 -8.06
C GLY A 94 1.32 7.50 -9.09
N GLN A 95 2.19 6.57 -8.76
CA GLN A 95 2.62 5.53 -9.68
C GLN A 95 2.18 4.15 -9.25
N LEU A 96 1.74 4.00 -8.00
CA LEU A 96 1.36 2.69 -7.49
C LEU A 96 0.08 2.18 -8.15
N GLU A 97 0.00 0.86 -8.28
CA GLU A 97 -1.19 0.20 -8.81
C GLU A 97 -2.29 0.18 -7.76
N GLU A 98 -3.52 -0.02 -8.22
CA GLU A 98 -4.66 0.08 -7.30
C GLU A 98 -4.56 -0.95 -6.18
N GLU A 99 -4.15 -2.18 -6.51
CA GLU A 99 -4.14 -3.23 -5.49
C GLU A 99 -3.18 -2.90 -4.36
N ILE A 100 -2.00 -2.36 -4.68
CA ILE A 100 -1.04 -2.10 -3.60
C ILE A 100 -1.51 -0.95 -2.73
N VAL A 101 -2.05 0.12 -3.32
CA VAL A 101 -2.57 1.24 -2.53
C VAL A 101 -3.68 0.76 -1.61
N THR A 102 -4.57 -0.06 -2.13
CA THR A 102 -5.69 -0.57 -1.34
C THR A 102 -5.19 -1.40 -0.18
N ASP A 103 -4.15 -2.21 -0.44
CA ASP A 103 -3.59 -3.03 0.65
C ASP A 103 -2.92 -2.18 1.72
N ILE A 104 -2.20 -1.13 1.31
CA ILE A 104 -1.59 -0.22 2.29
C ILE A 104 -2.65 0.38 3.21
N LEU A 105 -3.84 0.64 2.66
CA LEU A 105 -4.92 1.23 3.47
C LEU A 105 -5.44 0.27 4.52
N LYS A 106 -5.03 -0.99 4.48
CA LYS A 106 -5.43 -1.92 5.51
C LYS A 106 -4.59 -1.80 6.76
N TYR A 107 -3.51 -1.01 6.74
CA TYR A 107 -2.60 -0.87 7.87
C TYR A 107 -2.54 0.59 8.27
N PRO A 108 -3.39 1.01 9.21
CA PRO A 108 -3.43 2.44 9.59
C PRO A 108 -2.09 3.01 10.03
N ASN A 109 -1.24 2.21 10.68
CA ASN A 109 0.02 2.74 11.19
C ASN A 109 0.99 3.03 10.04
N LEU A 110 1.04 2.14 9.05
CA LEU A 110 1.87 2.41 7.88
C LEU A 110 1.36 3.64 7.12
N LEU A 111 0.03 3.72 6.93
CA LEU A 111 -0.57 4.87 6.29
C LEU A 111 -0.19 6.17 7.01
N GLU A 112 -0.27 6.16 8.33
CA GLU A 112 0.09 7.36 9.07
C GLU A 112 1.54 7.75 8.81
N LYS A 113 2.46 6.78 8.83
CA LYS A 113 3.86 7.09 8.57
C LYS A 113 4.05 7.66 7.17
N LEU A 114 3.39 7.09 6.17
CA LEU A 114 3.47 7.62 4.82
C LEU A 114 2.91 9.03 4.75
N LEU A 115 1.77 9.27 5.42
CA LEU A 115 1.16 10.61 5.40
C LEU A 115 2.04 11.65 6.06
N GLN A 116 2.84 11.27 7.04
CA GLN A 116 3.71 12.27 7.62
C GLN A 116 5.06 12.37 6.92
N THR A 117 5.33 11.54 5.90
CA THR A 117 6.62 11.64 5.23
C THR A 117 6.51 11.67 3.70
N GLY A 118 5.37 12.12 3.15
CA GLY A 118 5.32 12.33 1.72
C GLY A 118 4.01 12.09 0.99
N TRP A 119 3.08 11.33 1.56
CA TRP A 119 1.80 11.12 0.89
C TRP A 119 0.89 12.33 1.03
N ASN A 120 0.33 12.77 -0.10
CA ASN A 120 -0.71 13.79 -0.11
C ASN A 120 -2.07 13.10 -0.04
N PRO A 121 -2.84 13.26 1.04
CA PRO A 121 -4.08 12.47 1.18
C PRO A 121 -5.13 12.83 0.15
N ASN A 122 -5.07 14.04 -0.40
CA ASN A 122 -6.04 14.48 -1.40
C ASN A 122 -5.55 14.30 -2.83
N LEU A 123 -4.51 13.51 -3.06
CA LEU A 123 -4.05 13.29 -4.43
C LEU A 123 -5.11 12.54 -5.22
N ILE A 124 -5.43 13.03 -6.41
CA ILE A 124 -6.38 12.33 -7.27
C ILE A 124 -5.68 11.13 -7.90
N LEU A 125 -6.16 9.93 -7.58
CA LEU A 125 -5.62 8.71 -8.16
C LEU A 125 -6.40 8.32 -9.40
N GLU A 126 -5.74 7.63 -10.31
CA GLU A 126 -6.37 7.31 -11.58
C GLU A 126 -5.89 5.95 -12.06
N TRP A 127 -6.82 5.02 -12.27
CA TRP A 127 -6.52 3.70 -12.85
C TRP A 127 -7.58 3.38 -13.89
N GLU A 128 -7.36 2.29 -14.63
CA GLU A 128 -8.25 1.92 -15.71
C GLU A 128 -9.61 1.51 -15.15
N LYS A 129 -10.67 1.99 -15.81
CA LYS A 129 -12.03 1.74 -15.34
C LYS A 129 -12.39 0.26 -15.40
N HIS A 130 -12.22 -0.35 -16.57
CA HIS A 130 -12.59 -1.75 -16.75
C HIS A 130 -11.33 -2.59 -16.55
N LYS A 131 -11.24 -3.27 -15.42
CA LYS A 131 -10.13 -4.18 -15.19
C LYS A 131 -10.28 -5.45 -16.01
N SER A 132 -9.16 -6.14 -16.24
CA SER A 132 -9.16 -7.43 -16.92
C SER A 132 -8.44 -8.47 -16.07
N LEU A 133 -8.82 -9.72 -16.25
CA LEU A 133 -8.21 -10.81 -15.49
C LEU A 133 -7.78 -11.94 -16.42
N GLU A 145 0.87 -9.29 -10.86
CA GLU A 145 1.40 -8.76 -9.61
C GLU A 145 2.33 -7.58 -9.88
N ILE A 146 1.82 -6.57 -10.60
CA ILE A 146 2.57 -5.36 -10.89
C ILE A 146 2.22 -4.31 -9.84
N LEU A 147 3.26 -3.70 -9.26
CA LEU A 147 3.09 -2.71 -8.21
C LEU A 147 3.01 -1.29 -8.76
N ILE A 148 3.64 -1.02 -9.90
CA ILE A 148 3.67 0.30 -10.51
C ILE A 148 2.78 0.29 -11.75
N LYS A 149 2.12 1.41 -12.01
CA LYS A 149 1.34 1.57 -13.22
C LYS A 149 2.24 1.56 -14.45
N SER A 150 1.78 0.87 -15.50
CA SER A 150 2.49 0.82 -16.77
C SER A 150 1.57 1.36 -17.86
N ASN A 151 2.04 2.38 -18.58
CA ASN A 151 1.27 2.95 -19.69
C ASN A 151 1.44 2.07 -20.93
N GLY A 152 0.78 0.93 -20.91
CA GLY A 152 0.79 0.01 -22.04
C GLY A 152 -0.09 0.51 -23.17
N LYS A 153 -1.21 1.13 -22.82
CA LYS A 153 -2.08 1.80 -23.78
C LYS A 153 -2.76 2.97 -23.08
N GLU A 154 -2.76 4.13 -23.74
CA GLU A 154 -3.36 5.34 -23.20
C GLU A 154 -4.78 5.57 -23.69
N PHE A 155 -5.23 4.84 -24.71
CA PHE A 155 -6.56 5.03 -25.26
C PHE A 155 -7.59 4.15 -24.57
N ILE A 156 -7.42 3.93 -23.25
CA ILE A 156 -8.40 3.19 -22.47
C ILE A 156 -8.94 4.09 -21.38
N GLU A 157 -10.18 3.82 -21.00
CA GLU A 157 -10.87 4.68 -20.05
C GLU A 157 -10.24 4.58 -18.66
N LYS A 158 -10.06 5.72 -18.02
CA LYS A 158 -9.55 5.81 -16.66
C LYS A 158 -10.67 6.27 -15.74
N GLN A 159 -10.53 5.91 -14.47
CA GLN A 159 -11.48 6.27 -13.43
C GLN A 159 -10.72 6.86 -12.24
N GLU A 160 -11.15 8.04 -11.80
CA GLU A 160 -10.49 8.70 -10.69
C GLU A 160 -11.06 8.27 -9.36
N THR A 161 -10.24 8.34 -8.32
CA THR A 161 -10.69 8.08 -6.96
C THR A 161 -9.73 8.79 -6.02
N THR A 162 -9.93 8.58 -4.71
CA THR A 162 -9.08 9.17 -3.68
C THR A 162 -8.83 8.11 -2.61
N LEU A 163 -7.84 8.34 -1.74
CA LEU A 163 -7.64 7.42 -0.62
C LEU A 163 -8.90 7.34 0.25
N LEU A 164 -9.57 8.47 0.47
CA LEU A 164 -10.74 8.44 1.36
C LEU A 164 -11.92 7.72 0.68
N ILE A 165 -12.12 7.92 -0.63
CA ILE A 165 -13.22 7.19 -1.27
C ILE A 165 -12.96 5.70 -1.21
N LEU A 166 -11.71 5.28 -1.44
CA LEU A 166 -11.38 3.86 -1.35
C LEU A 166 -11.65 3.32 0.05
N ALA A 167 -11.21 4.07 1.07
CA ALA A 167 -11.39 3.66 2.45
C ALA A 167 -12.87 3.52 2.81
N MET A 168 -13.72 4.45 2.33
CA MET A 168 -15.13 4.40 2.70
C MET A 168 -15.81 3.14 2.15
N GLN A 169 -15.44 2.75 0.91
CA GLN A 169 -16.20 1.69 0.25
CA GLN A 169 -16.16 1.70 0.20
C GLN A 169 -15.70 0.29 0.58
N ASN A 170 -14.43 0.12 0.94
CA ASN A 170 -13.83 -1.20 1.04
C ASN A 170 -14.00 -1.77 2.44
N ASP A 171 -14.68 -2.91 2.55
CA ASP A 171 -14.96 -3.53 3.85
C ASP A 171 -13.77 -4.30 4.43
N PHE A 172 -12.64 -4.35 3.76
CA PHE A 172 -11.40 -4.87 4.33
C PHE A 172 -10.53 -3.76 4.90
N ILE A 173 -10.94 -2.51 4.80
CA ILE A 173 -10.15 -1.38 5.28
C ILE A 173 -10.75 -0.92 6.62
N PRO A 174 -9.95 -0.82 7.68
CA PRO A 174 -10.52 -0.53 9.00
C PRO A 174 -10.98 0.91 9.10
N MET A 175 -11.92 1.10 10.01
CA MET A 175 -12.42 2.42 10.36
C MET A 175 -11.29 3.37 10.75
N GLU A 176 -10.25 2.83 11.40
CA GLU A 176 -9.15 3.68 11.85
C GLU A 176 -8.44 4.33 10.68
N THR A 177 -8.49 3.69 9.50
CA THR A 177 -7.85 4.29 8.34
C THR A 177 -8.57 5.54 7.90
N VAL A 178 -9.92 5.53 7.95
CA VAL A 178 -10.68 6.75 7.74
C VAL A 178 -10.27 7.82 8.75
N GLN A 179 -10.14 7.43 10.02
CA GLN A 179 -9.75 8.40 11.06
C GLN A 179 -8.39 9.03 10.75
N ILE A 180 -7.40 8.21 10.40
CA ILE A 180 -6.06 8.71 10.06
C ILE A 180 -6.15 9.69 8.90
N LEU A 181 -6.90 9.33 7.84
CA LEU A 181 -6.98 10.20 6.67
C LEU A 181 -7.57 11.57 7.05
N LEU A 182 -8.66 11.57 7.82
CA LEU A 182 -9.24 12.84 8.23
C LEU A 182 -8.26 13.62 9.07
N LYS A 183 -7.54 12.91 9.95
CA LYS A 183 -6.58 13.57 10.84
C LYS A 183 -5.51 14.31 10.03
N TYR A 184 -5.10 13.75 8.89
CA TYR A 184 -4.02 14.38 8.15
C TYR A 184 -4.53 15.28 7.03
N GLY A 185 -5.81 15.65 7.08
CA GLY A 185 -6.34 16.66 6.19
C GLY A 185 -7.00 16.13 4.93
N ALA A 186 -7.38 14.86 4.89
CA ALA A 186 -8.18 14.38 3.77
C ALA A 186 -9.50 15.15 3.74
N ASP A 187 -9.86 15.65 2.56
CA ASP A 187 -11.01 16.53 2.46
C ASP A 187 -12.27 15.69 2.32
N PRO A 188 -13.17 15.71 3.31
CA PRO A 188 -14.37 14.87 3.23
C PRO A 188 -15.32 15.23 2.10
N SER A 189 -15.12 16.37 1.43
CA SER A 189 -16.01 16.80 0.37
C SER A 189 -15.36 16.78 -1.02
N LEU A 190 -14.23 16.11 -1.19
CA LEU A 190 -13.59 16.05 -2.50
C LEU A 190 -14.19 14.91 -3.31
N GLY A 191 -14.88 15.24 -4.40
CA GLY A 191 -15.54 14.25 -5.23
C GLY A 191 -14.83 13.95 -6.54
N VAL A 192 -15.28 12.86 -7.19
CA VAL A 192 -14.77 12.42 -8.48
C VAL A 192 -15.93 11.99 -9.39
N LYS A 193 -15.67 11.98 -10.69
CA LYS A 193 -16.70 11.70 -11.69
C LYS A 193 -17.01 10.21 -11.82
N ARG A 194 -18.30 9.86 -11.83
CA ARG A 194 -18.77 8.51 -12.10
C ARG A 194 -20.03 8.61 -12.95
N LYS A 195 -20.42 7.48 -13.54
CA LYS A 195 -21.64 7.35 -14.31
C LYS A 195 -22.56 6.30 -13.68
N SER A 196 -23.86 6.56 -13.76
CA SER A 196 -24.90 5.63 -13.35
C SER A 196 -25.99 5.66 -14.42
N GLU A 197 -26.12 4.57 -15.17
CA GLU A 197 -27.11 4.46 -16.24
C GLU A 197 -26.93 5.58 -17.26
N GLY A 198 -25.67 5.87 -17.60
CA GLY A 198 -25.35 6.89 -18.59
C GLY A 198 -25.23 8.31 -18.07
N LYS A 199 -25.67 8.59 -16.85
CA LYS A 199 -25.69 9.95 -16.32
C LYS A 199 -24.48 10.18 -15.42
N GLU A 200 -23.70 11.21 -15.75
CA GLU A 200 -22.49 11.52 -15.00
C GLU A 200 -22.84 12.29 -13.73
N TYR A 201 -22.15 11.96 -12.64
CA TYR A 201 -22.36 12.62 -11.36
C TYR A 201 -21.04 12.65 -10.61
N LEU A 202 -21.02 13.37 -9.49
CA LEU A 202 -19.86 13.46 -8.62
C LEU A 202 -20.06 12.50 -7.45
N LEU A 203 -19.10 11.61 -7.26
CA LEU A 203 -19.06 10.67 -6.13
C LEU A 203 -18.24 11.28 -4.99
N TYR A 204 -18.84 11.35 -3.80
CA TYR A 204 -18.21 11.87 -2.60
C TYR A 204 -17.96 10.79 -1.56
N PRO A 205 -17.06 11.04 -0.60
CA PRO A 205 -16.90 10.11 0.53
C PRO A 205 -18.20 9.77 1.25
N LEU A 206 -19.13 10.71 1.37
CA LEU A 206 -20.47 10.47 1.91
C LEU A 206 -21.43 10.30 0.73
N ALA A 207 -21.80 9.05 0.42
CA ALA A 207 -22.73 8.75 -0.66
C ALA A 207 -23.82 7.82 -0.16
N ASN A 208 -25.05 8.06 -0.64
CA ASN A 208 -26.31 7.44 -0.20
C ASN A 208 -26.33 7.00 1.26
N ILE A 209 -26.63 7.95 2.16
CA ILE A 209 -26.63 7.68 3.60
C ILE A 209 -27.80 6.80 4.03
N ASN A 210 -28.91 6.79 3.28
CA ASN A 210 -30.10 6.03 3.65
C ASN A 210 -30.25 4.85 2.70
N SER A 211 -29.76 3.67 3.11
CA SER A 211 -29.77 2.50 2.25
C SER A 211 -29.63 1.23 3.07
N ASN A 212 -30.52 0.26 2.82
CA ASN A 212 -30.35 -1.12 3.27
C ASN A 212 -29.17 -1.81 2.59
N GLY A 213 -28.49 -1.13 1.66
CA GLY A 213 -27.34 -1.63 0.95
C GLY A 213 -26.00 -1.22 1.51
N ASN A 214 -25.97 -0.41 2.55
CA ASN A 214 -24.72 -0.13 3.24
C ASN A 214 -24.44 -1.22 4.25
N THR A 215 -23.25 -1.81 4.19
CA THR A 215 -22.82 -2.71 5.24
C THR A 215 -22.71 -1.96 6.57
N ILE A 216 -22.64 -2.74 7.65
CA ILE A 216 -22.41 -2.19 8.99
C ILE A 216 -21.18 -1.29 9.01
N LEU A 217 -20.07 -1.75 8.43
CA LEU A 217 -18.83 -1.00 8.50
C LEU A 217 -18.91 0.30 7.69
N LYS A 218 -19.54 0.23 6.53
CA LYS A 218 -19.75 1.43 5.73
C LYS A 218 -20.57 2.46 6.48
N GLU A 219 -21.64 2.02 7.16
CA GLU A 219 -22.44 2.94 7.97
C GLU A 219 -21.60 3.57 9.08
N LEU A 220 -20.82 2.75 9.79
CA LEU A 220 -19.94 3.28 10.84
C LEU A 220 -18.95 4.31 10.29
N LYS A 221 -18.39 4.09 9.08
CA LYS A 221 -17.47 5.05 8.50
C LYS A 221 -18.16 6.35 8.13
N GLN A 222 -19.39 6.27 7.62
CA GLN A 222 -20.14 7.49 7.31
C GLN A 222 -20.37 8.32 8.55
N LYS A 223 -20.73 7.66 9.66
CA LYS A 223 -20.95 8.37 10.92
C LYS A 223 -19.66 9.04 11.40
N THR A 224 -18.53 8.32 11.28
CA THR A 224 -17.22 8.89 11.56
C THR A 224 -17.00 10.17 10.78
N LEU A 225 -17.35 10.15 9.50
CA LEU A 225 -17.14 11.29 8.63
C LEU A 225 -18.05 12.44 9.02
N ILE A 226 -19.34 12.15 9.24
CA ILE A 226 -20.27 13.19 9.65
C ILE A 226 -19.85 13.78 10.99
N ASP A 227 -19.31 12.95 11.88
CA ASP A 227 -19.02 13.36 13.25
C ASP A 227 -17.67 14.01 13.41
N TRP A 228 -16.84 14.08 12.37
CA TRP A 228 -15.44 14.45 12.57
C TRP A 228 -15.32 15.89 13.07
N LYS A 229 -16.01 16.83 12.43
CA LYS A 229 -15.94 18.23 12.85
C LYS A 229 -16.73 18.53 14.11
N LYS A 230 -17.31 17.53 14.77
CA LYS A 230 -18.16 17.76 15.94
C LYS A 230 -17.36 18.15 17.18
#